data_2ZYT
#
_entry.id   2ZYT
#
_cell.length_a   160.156
_cell.length_b   65.154
_cell.length_c   46.824
_cell.angle_alpha   90.00
_cell.angle_beta   104.20
_cell.angle_gamma   90.00
#
_symmetry.space_group_name_H-M   'C 1 2 1'
#
loop_
_entity.id
_entity.type
_entity.pdbx_description
1 polymer 'Tyrosine-ester sulfotransferase'
2 non-polymer "3'-PHOSPHATE-ADENOSINE-5'-PHOSPHATE SULFATE"
3 non-polymer GLYCEROL
4 water water
#
_entity_poly.entity_id   1
_entity_poly.type   'polypeptide(L)'
_entity_poly.pdbx_seq_one_letter_code
;MDNKLDVFRRELVDVEGIPLFWSIAEHWSQVESFEARPDDILISTYPKSGTTWVSEILDLIYNNGDAEKCKRDAIYKRVP
FMELIIPGITNGVEMLNNMPSPRIVKTHLPVQLLPSSFWKNDCKIIYVARNAKDVVVSYYYFYQMAKIHPEPGTWEEFLE
KFMAGQVSFGPWYDHVKSWWEKRKEYRILYLFYEDMKENPKCEIQKILKFLEKDIPEEILNKILYHSSFSVMKENPSANY
TTMMKEEMDHSVSPFMRKGISGDWKNQFTVAQYEKFEEDYVKKMEDSTLKFRSEI
;
_entity_poly.pdbx_strand_id   X
#
# COMPACT_ATOMS: atom_id res chain seq x y z
N LYS A 4 -14.20 22.78 -15.35
CA LYS A 4 -15.33 22.77 -14.38
C LYS A 4 -15.32 21.51 -13.52
N LEU A 5 -15.07 20.35 -14.14
CA LEU A 5 -15.04 19.08 -13.39
C LEU A 5 -13.97 19.12 -12.29
N ASP A 6 -14.40 19.01 -11.04
CA ASP A 6 -13.45 18.88 -9.92
C ASP A 6 -13.37 17.41 -9.50
N VAL A 7 -12.21 16.81 -9.73
CA VAL A 7 -12.04 15.38 -9.49
C VAL A 7 -11.64 15.09 -8.04
N PHE A 8 -11.28 16.14 -7.30
CA PHE A 8 -10.71 16.02 -5.95
C PHE A 8 -11.72 16.26 -4.83
N ARG A 9 -11.43 15.71 -3.65
CA ARG A 9 -12.21 15.93 -2.44
C ARG A 9 -13.67 15.46 -2.50
N ARG A 10 -13.97 14.51 -3.39
CA ARG A 10 -15.33 14.00 -3.48
C ARG A 10 -15.60 12.94 -2.43
N GLU A 11 -16.87 12.66 -2.19
CA GLU A 11 -17.25 11.54 -1.36
C GLU A 11 -16.89 10.25 -2.08
N LEU A 12 -16.53 9.23 -1.31
CA LEU A 12 -16.23 7.92 -1.85
C LEU A 12 -17.50 7.25 -2.40
N VAL A 13 -17.29 6.31 -3.32
CA VAL A 13 -18.38 5.54 -3.92
C VAL A 13 -18.13 4.06 -3.67
N ASP A 14 -19.13 3.37 -3.12
CA ASP A 14 -18.97 1.96 -2.77
C ASP A 14 -18.95 1.06 -4.00
N VAL A 15 -17.99 0.13 -4.01
CA VAL A 15 -18.00 -1.00 -4.94
C VAL A 15 -18.14 -2.25 -4.09
N GLU A 16 -19.26 -2.95 -4.23
CA GLU A 16 -19.54 -4.13 -3.40
C GLU A 16 -19.31 -3.86 -1.90
N GLY A 17 -19.70 -2.66 -1.47
CA GLY A 17 -19.65 -2.30 -0.06
C GLY A 17 -18.35 -1.65 0.40
N ILE A 18 -17.38 -1.57 -0.52
CA ILE A 18 -16.06 -0.99 -0.21
C ILE A 18 -15.96 0.42 -0.78
N PRO A 19 -15.76 1.43 0.09
CA PRO A 19 -15.65 2.79 -0.38
C PRO A 19 -14.37 2.95 -1.20
N LEU A 20 -14.54 3.41 -2.44
CA LEU A 20 -13.42 3.67 -3.34
C LEU A 20 -13.56 5.06 -3.96
N PHE A 21 -12.48 5.59 -4.52
CA PHE A 21 -12.55 6.88 -5.21
C PHE A 21 -13.60 6.79 -6.32
N TRP A 22 -14.34 7.88 -6.50
CA TRP A 22 -15.45 7.92 -7.46
C TRP A 22 -15.01 7.46 -8.86
N SER A 23 -13.78 7.81 -9.22
CA SER A 23 -13.29 7.55 -10.57
C SER A 23 -12.86 6.10 -10.76
N ILE A 24 -12.51 5.43 -9.66
CA ILE A 24 -12.27 3.99 -9.67
C ILE A 24 -13.61 3.26 -9.83
N ALA A 25 -14.61 3.66 -9.04
CA ALA A 25 -15.94 3.06 -9.13
C ALA A 25 -16.50 3.20 -10.55
N GLU A 26 -16.32 4.37 -11.14
CA GLU A 26 -16.77 4.66 -12.51
C GLU A 26 -16.16 3.71 -13.54
N HIS A 27 -14.89 3.37 -13.33
CA HIS A 27 -14.17 2.50 -14.25
C HIS A 27 -14.03 1.08 -13.75
N TRP A 28 -14.96 0.65 -12.90
CA TRP A 28 -14.79 -0.64 -12.27
C TRP A 28 -14.65 -1.81 -13.26
N SER A 29 -15.39 -1.77 -14.36
CA SER A 29 -15.32 -2.87 -15.31
C SER A 29 -13.90 -3.07 -15.84
N GLN A 30 -13.17 -1.97 -16.03
CA GLN A 30 -11.77 -2.01 -16.48
C GLN A 30 -10.84 -2.68 -15.46
N VAL A 31 -11.12 -2.46 -14.17
CA VAL A 31 -10.30 -3.04 -13.12
C VAL A 31 -10.66 -4.50 -12.97
N GLU A 32 -11.94 -4.80 -12.88
CA GLU A 32 -12.40 -6.16 -12.71
C GLU A 32 -11.90 -7.09 -13.82
N SER A 33 -11.85 -6.59 -15.04
CA SER A 33 -11.44 -7.39 -16.19
C SER A 33 -9.93 -7.33 -16.44
N PHE A 34 -9.18 -6.78 -15.48
CA PHE A 34 -7.73 -6.65 -15.66
C PHE A 34 -7.11 -7.96 -16.06
N GLU A 35 -6.25 -7.90 -17.07
CA GLU A 35 -5.53 -9.07 -17.54
C GLU A 35 -4.16 -9.12 -16.89
N ALA A 36 -4.01 -10.07 -15.95
CA ALA A 36 -2.71 -10.32 -15.32
C ALA A 36 -1.90 -11.26 -16.21
N ARG A 37 -0.62 -11.41 -15.87
CA ARG A 37 0.31 -12.28 -16.59
C ARG A 37 1.00 -13.19 -15.57
N PRO A 38 1.37 -14.41 -15.98
CA PRO A 38 1.99 -15.35 -15.05
C PRO A 38 3.19 -14.81 -14.26
N ASP A 39 3.96 -13.89 -14.82
CA ASP A 39 5.16 -13.43 -14.13
C ASP A 39 5.00 -12.07 -13.46
N ASP A 40 3.78 -11.54 -13.45
CA ASP A 40 3.50 -10.33 -12.67
C ASP A 40 3.84 -10.60 -11.23
N ILE A 41 4.42 -9.62 -10.56
CA ILE A 41 4.53 -9.67 -9.08
C ILE A 41 3.61 -8.59 -8.57
N LEU A 42 2.67 -8.99 -7.71
CA LEU A 42 1.71 -8.07 -7.15
C LEU A 42 2.12 -7.68 -5.75
N ILE A 43 2.25 -6.37 -5.52
CA ILE A 43 2.45 -5.80 -4.19
C ILE A 43 1.10 -5.34 -3.69
N SER A 44 0.61 -6.00 -2.65
CA SER A 44 -0.74 -5.78 -2.16
C SER A 44 -0.70 -5.32 -0.71
N THR A 45 -1.39 -4.22 -0.41
CA THR A 45 -1.38 -3.67 0.95
C THR A 45 -2.64 -2.91 1.23
N TYR A 46 -2.99 -2.84 2.51
CA TYR A 46 -3.92 -1.82 2.95
C TYR A 46 -3.13 -0.52 2.91
N PRO A 47 -3.78 0.61 2.53
CA PRO A 47 -3.03 1.87 2.46
C PRO A 47 -2.17 2.16 3.69
N LYS A 48 -0.98 2.67 3.41
CA LYS A 48 -0.05 3.21 4.42
C LYS A 48 0.68 2.13 5.20
N SER A 49 0.81 0.95 4.58
CA SER A 49 1.35 -0.21 5.26
C SER A 49 2.76 -0.60 4.83
N GLY A 50 3.33 0.15 3.90
CA GLY A 50 4.68 -0.11 3.39
C GLY A 50 4.75 -0.36 1.89
N THR A 51 3.75 0.10 1.16
CA THR A 51 3.65 -0.15 -0.28
C THR A 51 4.87 0.40 -1.04
N THR A 52 5.19 1.66 -0.80
CA THR A 52 6.25 2.35 -1.54
C THR A 52 7.60 1.73 -1.18
N TRP A 53 7.77 1.42 0.10
CA TRP A 53 9.00 0.78 0.60
C TRP A 53 9.28 -0.49 -0.17
N VAL A 54 8.29 -1.39 -0.20
CA VAL A 54 8.47 -2.69 -0.84
C VAL A 54 8.53 -2.54 -2.37
N SER A 55 7.80 -1.58 -2.94
CA SER A 55 7.86 -1.29 -4.38
C SER A 55 9.27 -0.89 -4.82
N GLU A 56 9.88 0.00 -4.03
CA GLU A 56 11.23 0.46 -4.30
C GLU A 56 12.22 -0.69 -4.15
N ILE A 57 12.03 -1.52 -3.12
CA ILE A 57 12.86 -2.73 -2.91
C ILE A 57 12.79 -3.64 -4.14
N LEU A 58 11.58 -3.93 -4.62
CA LEU A 58 11.41 -4.79 -5.78
CA LEU A 58 11.42 -4.79 -5.78
C LEU A 58 12.04 -4.22 -7.05
N ASP A 59 11.84 -2.92 -7.29
CA ASP A 59 12.39 -2.32 -8.49
C ASP A 59 13.91 -2.35 -8.43
N LEU A 60 14.45 -2.17 -7.22
CA LEU A 60 15.90 -2.27 -6.99
C LEU A 60 16.42 -3.68 -7.27
N ILE A 61 15.72 -4.70 -6.76
CA ILE A 61 16.06 -6.10 -7.04
C ILE A 61 16.03 -6.37 -8.55
N TYR A 62 14.96 -5.92 -9.22
CA TYR A 62 14.81 -6.12 -10.65
C TYR A 62 15.90 -5.43 -11.47
N ASN A 63 16.46 -4.36 -10.92
CA ASN A 63 17.50 -3.59 -11.61
C ASN A 63 18.89 -3.82 -11.02
N ASN A 64 19.01 -4.95 -10.31
CA ASN A 64 20.25 -5.38 -9.67
CA ASN A 64 20.24 -5.38 -9.65
C ASN A 64 20.95 -4.29 -8.86
N GLY A 65 20.17 -3.56 -8.07
CA GLY A 65 20.69 -2.52 -7.19
C GLY A 65 21.16 -1.25 -7.88
N ASP A 66 20.86 -1.11 -9.18
CA ASP A 66 21.21 0.09 -9.94
C ASP A 66 20.30 1.26 -9.60
N ALA A 67 20.76 2.09 -8.67
CA ALA A 67 20.02 3.27 -8.21
C ALA A 67 19.68 4.24 -9.34
N GLU A 68 20.56 4.37 -10.32
CA GLU A 68 20.29 5.27 -11.44
C GLU A 68 19.14 4.77 -12.31
N LYS A 69 19.12 3.46 -12.59
CA LYS A 69 18.04 2.87 -13.38
C LYS A 69 16.71 3.03 -12.66
N CYS A 70 16.76 2.98 -11.34
CA CYS A 70 15.55 3.15 -10.53
C CYS A 70 15.10 4.61 -10.45
N LYS A 71 15.90 5.51 -11.00
CA LYS A 71 15.50 6.92 -11.14
C LYS A 71 15.00 7.25 -12.55
N ARG A 72 14.75 6.21 -13.36
CA ARG A 72 14.25 6.39 -14.73
C ARG A 72 12.90 7.11 -14.74
N ASP A 73 12.13 6.94 -13.67
CA ASP A 73 10.82 7.59 -13.52
C ASP A 73 10.36 7.53 -12.08
N ALA A 74 9.29 8.25 -11.77
CA ALA A 74 8.68 8.26 -10.45
C ALA A 74 8.19 6.84 -10.10
N ILE A 75 8.19 6.52 -8.82
CA ILE A 75 7.81 5.17 -8.36
C ILE A 75 6.43 4.75 -8.87
N TYR A 76 5.53 5.71 -9.01
CA TYR A 76 4.16 5.43 -9.41
C TYR A 76 4.00 5.23 -10.91
N LYS A 77 5.06 5.52 -11.67
CA LYS A 77 5.15 5.16 -13.07
C LYS A 77 5.90 3.82 -13.22
N ARG A 78 6.92 3.61 -12.39
CA ARG A 78 7.69 2.37 -12.39
C ARG A 78 6.88 1.17 -11.93
N VAL A 79 6.05 1.40 -10.91
CA VAL A 79 5.23 0.37 -10.28
C VAL A 79 3.81 0.93 -10.27
N PRO A 80 3.06 0.72 -11.37
CA PRO A 80 1.73 1.33 -11.44
C PRO A 80 0.75 0.86 -10.35
N PHE A 81 0.00 1.83 -9.84
CA PHE A 81 -1.12 1.64 -8.94
C PHE A 81 -2.31 1.19 -9.81
N MET A 82 -2.53 -0.12 -9.89
CA MET A 82 -3.44 -0.72 -10.88
C MET A 82 -4.82 -0.06 -10.95
N GLU A 83 -5.53 -0.04 -9.83
CA GLU A 83 -6.91 0.39 -9.84
C GLU A 83 -7.08 1.91 -9.86
N LEU A 84 -5.99 2.66 -9.62
CA LEU A 84 -6.12 4.11 -9.60
C LEU A 84 -6.32 4.68 -11.01
N ILE A 85 -7.54 5.16 -11.24
CA ILE A 85 -7.93 5.76 -12.49
C ILE A 85 -8.59 7.09 -12.16
N ILE A 86 -8.07 8.16 -12.74
CA ILE A 86 -8.63 9.52 -12.59
C ILE A 86 -8.67 10.16 -13.98
N PRO A 87 -9.87 10.54 -14.45
CA PRO A 87 -9.96 10.99 -15.84
C PRO A 87 -9.08 12.22 -16.10
N GLY A 88 -8.33 12.17 -17.20
CA GLY A 88 -7.46 13.27 -17.59
C GLY A 88 -6.13 13.29 -16.83
N ILE A 89 -5.99 12.39 -15.87
CA ILE A 89 -4.81 12.40 -15.00
C ILE A 89 -4.02 11.11 -15.01
N THR A 90 -4.68 9.98 -14.72
CA THR A 90 -3.99 8.70 -14.70
C THR A 90 -4.92 7.52 -14.97
N ASN A 91 -4.34 6.42 -15.42
CA ASN A 91 -5.09 5.18 -15.55
C ASN A 91 -4.17 3.99 -15.35
N GLY A 92 -4.19 3.42 -14.15
CA GLY A 92 -3.28 2.34 -13.79
C GLY A 92 -3.36 1.12 -14.71
N VAL A 93 -4.58 0.77 -15.11
CA VAL A 93 -4.80 -0.38 -16.00
C VAL A 93 -4.18 -0.16 -17.38
N GLU A 94 -4.41 1.03 -17.95
CA GLU A 94 -3.80 1.38 -19.24
C GLU A 94 -2.28 1.38 -19.20
N MET A 95 -1.71 1.95 -18.13
CA MET A 95 -0.26 1.94 -17.93
C MET A 95 0.28 0.51 -17.90
N LEU A 96 -0.40 -0.38 -17.18
CA LEU A 96 0.03 -1.77 -17.07
C LEU A 96 -0.15 -2.55 -18.38
N ASN A 97 -1.26 -2.31 -19.07
CA ASN A 97 -1.55 -2.98 -20.34
C ASN A 97 -0.42 -2.79 -21.34
N ASN A 98 0.25 -1.64 -21.26
CA ASN A 98 1.28 -1.25 -22.22
C ASN A 98 2.70 -1.45 -21.69
N MET A 99 2.83 -2.08 -20.54
CA MET A 99 4.12 -2.31 -19.90
CA MET A 99 4.13 -2.31 -19.93
C MET A 99 4.67 -3.71 -20.21
N PRO A 100 5.95 -3.81 -20.60
CA PRO A 100 6.51 -5.14 -20.85
C PRO A 100 6.72 -5.91 -19.54
N SER A 101 6.62 -7.23 -19.64
CA SER A 101 6.92 -8.10 -18.52
C SER A 101 8.43 -8.11 -18.26
N PRO A 102 8.85 -8.39 -17.01
CA PRO A 102 8.03 -8.71 -15.84
C PRO A 102 7.51 -7.45 -15.15
N ARG A 103 6.19 -7.40 -14.95
CA ARG A 103 5.56 -6.22 -14.35
C ARG A 103 5.51 -6.32 -12.84
N ILE A 104 5.77 -5.21 -12.17
CA ILE A 104 5.52 -5.07 -10.73
C ILE A 104 4.26 -4.20 -10.60
N VAL A 105 3.26 -4.73 -9.90
CA VAL A 105 1.93 -4.13 -9.85
C VAL A 105 1.58 -3.76 -8.40
N LYS A 106 1.10 -2.54 -8.19
CA LYS A 106 0.62 -2.10 -6.86
C LYS A 106 -0.91 -2.17 -6.79
N THR A 107 -1.43 -2.69 -5.68
CA THR A 107 -2.87 -2.63 -5.42
C THR A 107 -3.15 -2.43 -3.93
N HIS A 108 -4.30 -1.82 -3.62
CA HIS A 108 -4.80 -1.81 -2.25
C HIS A 108 -6.12 -2.56 -2.15
N LEU A 109 -6.48 -3.35 -3.16
CA LEU A 109 -7.80 -3.97 -3.14
C LEU A 109 -7.88 -5.07 -2.10
N PRO A 110 -9.02 -5.16 -1.39
CA PRO A 110 -9.23 -6.32 -0.53
C PRO A 110 -9.38 -7.58 -1.39
N VAL A 111 -9.16 -8.73 -0.79
CA VAL A 111 -9.14 -10.01 -1.50
CA VAL A 111 -9.17 -10.04 -1.46
C VAL A 111 -10.33 -10.19 -2.42
N GLN A 112 -11.53 -9.89 -1.93
CA GLN A 112 -12.76 -10.14 -2.67
C GLN A 112 -12.96 -9.21 -3.87
N LEU A 113 -12.14 -8.16 -3.97
CA LEU A 113 -12.21 -7.24 -5.11
C LEU A 113 -11.04 -7.38 -6.09
N LEU A 114 -10.06 -8.21 -5.75
CA LEU A 114 -8.89 -8.35 -6.64
C LEU A 114 -9.35 -8.93 -7.97
N PRO A 115 -8.92 -8.33 -9.09
CA PRO A 115 -9.25 -8.93 -10.38
C PRO A 115 -8.91 -10.41 -10.41
N SER A 116 -9.88 -11.25 -10.81
CA SER A 116 -9.72 -12.70 -10.72
C SER A 116 -8.57 -13.25 -11.56
N SER A 117 -8.14 -12.49 -12.58
CA SER A 117 -7.02 -12.90 -13.42
C SER A 117 -5.73 -13.18 -12.64
N PHE A 118 -5.54 -12.50 -11.51
CA PHE A 118 -4.36 -12.77 -10.68
C PHE A 118 -4.39 -14.18 -10.09
N TRP A 119 -5.56 -14.64 -9.67
CA TRP A 119 -5.69 -15.99 -9.14
C TRP A 119 -5.53 -17.02 -10.27
N LYS A 120 -6.17 -16.75 -11.39
CA LYS A 120 -6.18 -17.66 -12.56
CA LYS A 120 -6.17 -17.67 -12.54
C LYS A 120 -4.78 -17.82 -13.14
N ASN A 121 -3.95 -16.79 -12.98
CA ASN A 121 -2.58 -16.80 -13.49
C ASN A 121 -1.58 -17.22 -12.42
N ASP A 122 -2.06 -17.50 -11.21
CA ASP A 122 -1.23 -18.01 -10.12
C ASP A 122 -0.07 -17.05 -9.79
N CYS A 123 -0.34 -15.75 -9.86
CA CYS A 123 0.71 -14.75 -9.67
C CYS A 123 1.30 -14.77 -8.26
N LYS A 124 2.60 -14.49 -8.16
CA LYS A 124 3.19 -14.29 -6.84
C LYS A 124 2.72 -12.95 -6.30
N ILE A 125 2.38 -12.93 -5.02
CA ILE A 125 1.83 -11.75 -4.38
C ILE A 125 2.65 -11.50 -3.12
N ILE A 126 3.12 -10.27 -2.96
CA ILE A 126 3.72 -9.86 -1.69
C ILE A 126 2.71 -8.98 -0.97
N TYR A 127 2.22 -9.45 0.17
CA TYR A 127 1.28 -8.67 0.96
C TYR A 127 2.04 -8.05 2.13
N VAL A 128 1.80 -6.78 2.42
CA VAL A 128 2.44 -6.13 3.56
C VAL A 128 1.38 -5.58 4.51
N ALA A 129 1.50 -5.94 5.79
CA ALA A 129 0.61 -5.45 6.84
C ALA A 129 1.40 -4.62 7.84
N ARG A 130 0.69 -3.71 8.49
CA ARG A 130 1.28 -2.80 9.45
C ARG A 130 0.27 -2.64 10.58
N ASN A 131 0.75 -2.41 11.81
CA ASN A 131 -0.18 -2.37 12.94
C ASN A 131 -1.21 -1.27 12.75
N ALA A 132 -2.47 -1.57 13.11
CA ALA A 132 -3.61 -0.70 12.83
C ALA A 132 -3.43 0.74 13.31
N LYS A 133 -2.90 0.91 14.53
CA LYS A 133 -2.80 2.26 15.10
C LYS A 133 -1.84 3.14 14.29
N ASP A 134 -0.71 2.58 13.90
CA ASP A 134 0.24 3.31 13.05
C ASP A 134 -0.36 3.59 11.67
N VAL A 135 -1.12 2.62 11.15
CA VAL A 135 -1.78 2.82 9.86
C VAL A 135 -2.74 4.01 9.90
N VAL A 136 -3.61 4.08 10.93
CA VAL A 136 -4.59 5.16 10.97
C VAL A 136 -3.93 6.53 11.12
N VAL A 137 -2.86 6.62 11.91
CA VAL A 137 -2.10 7.89 11.98
C VAL A 137 -1.56 8.31 10.61
N SER A 138 -0.86 7.39 9.94
CA SER A 138 -0.29 7.65 8.63
C SER A 138 -1.39 8.01 7.63
N TYR A 139 -2.54 7.34 7.74
CA TYR A 139 -3.63 7.52 6.77
C TYR A 139 -4.30 8.90 6.95
N TYR A 140 -4.37 9.36 8.20
CA TYR A 140 -4.91 10.68 8.49
C TYR A 140 -4.14 11.77 7.76
N TYR A 141 -2.82 11.80 7.95
CA TYR A 141 -2.00 12.80 7.28
C TYR A 141 -2.04 12.64 5.77
N PHE A 142 -2.11 11.39 5.31
CA PHE A 142 -2.22 11.12 3.86
C PHE A 142 -3.54 11.69 3.29
N TYR A 143 -4.66 11.48 3.98
CA TYR A 143 -5.94 12.07 3.60
C TYR A 143 -5.83 13.60 3.45
N GLN A 144 -5.09 14.22 4.36
CA GLN A 144 -4.92 15.67 4.34
C GLN A 144 -4.17 16.14 3.09
N MET A 145 -3.07 15.46 2.74
CA MET A 145 -2.21 15.91 1.64
C MET A 145 -2.62 15.41 0.24
N ALA A 146 -3.20 14.21 0.18
CA ALA A 146 -3.61 13.56 -1.08
C ALA A 146 -5.06 13.90 -1.39
N LYS A 147 -5.24 14.87 -2.27
CA LYS A 147 -6.53 15.54 -2.48
C LYS A 147 -7.62 14.72 -3.15
N ILE A 148 -7.26 13.55 -3.71
CA ILE A 148 -8.28 12.64 -4.25
C ILE A 148 -9.22 12.15 -3.13
N HIS A 149 -8.72 12.08 -1.90
CA HIS A 149 -9.51 11.63 -0.75
C HIS A 149 -10.54 12.69 -0.33
N PRO A 150 -11.63 12.25 0.34
CA PRO A 150 -12.54 13.19 0.96
C PRO A 150 -11.81 13.93 2.07
N GLU A 151 -12.33 15.10 2.47
CA GLU A 151 -11.77 15.78 3.64
CA GLU A 151 -11.80 15.80 3.64
C GLU A 151 -11.81 14.84 4.85
N PRO A 152 -10.66 14.68 5.53
CA PRO A 152 -10.69 13.77 6.69
C PRO A 152 -11.33 14.34 7.95
N GLY A 153 -11.43 15.67 8.05
CA GLY A 153 -11.93 16.33 9.26
C GLY A 153 -10.87 16.28 10.34
N THR A 154 -11.32 16.33 11.60
CA THR A 154 -10.40 16.26 12.74
C THR A 154 -9.84 14.84 12.90
N TRP A 155 -8.70 14.74 13.58
CA TRP A 155 -8.11 13.44 13.93
C TRP A 155 -9.15 12.54 14.59
N GLU A 156 -9.89 13.13 15.53
CA GLU A 156 -10.93 12.42 16.27
CA GLU A 156 -10.93 12.40 16.26
C GLU A 156 -12.01 11.86 15.32
N GLU A 157 -12.47 12.69 14.39
CA GLU A 157 -13.47 12.27 13.40
C GLU A 157 -12.91 11.18 12.49
N PHE A 158 -11.67 11.37 12.06
CA PHE A 158 -11.05 10.41 11.14
C PHE A 158 -10.84 9.06 11.80
N LEU A 159 -10.37 9.06 13.05
CA LEU A 159 -10.18 7.83 13.81
C LEU A 159 -11.47 7.02 13.89
N GLU A 160 -12.58 7.72 14.11
CA GLU A 160 -13.88 7.07 14.19
C GLU A 160 -14.27 6.43 12.85
N LYS A 161 -14.04 7.15 11.75
CA LYS A 161 -14.29 6.65 10.40
CA LYS A 161 -14.32 6.63 10.42
C LYS A 161 -13.42 5.43 10.10
N PHE A 162 -12.16 5.50 10.50
CA PHE A 162 -11.26 4.37 10.31
C PHE A 162 -11.77 3.14 11.06
N MET A 163 -12.18 3.32 12.32
CA MET A 163 -12.69 2.22 13.10
C MET A 163 -13.96 1.63 12.45
N ALA A 164 -14.76 2.49 11.85
CA ALA A 164 -15.98 2.08 11.18
C ALA A 164 -15.74 1.49 9.77
N GLY A 165 -14.50 1.59 9.27
CA GLY A 165 -14.20 1.16 7.91
C GLY A 165 -14.73 2.08 6.83
N GLN A 166 -15.12 3.29 7.24
CA GLN A 166 -15.65 4.29 6.30
CA GLN A 166 -15.65 4.31 6.33
C GLN A 166 -14.52 5.18 5.78
N VAL A 167 -13.53 4.53 5.18
CA VAL A 167 -12.37 5.19 4.58
C VAL A 167 -12.08 4.50 3.26
N SER A 168 -11.29 5.15 2.42
CA SER A 168 -10.88 4.58 1.14
C SER A 168 -10.30 3.18 1.30
N PHE A 169 -10.81 2.24 0.50
CA PHE A 169 -10.44 0.81 0.54
C PHE A 169 -11.02 0.00 1.70
N GLY A 170 -11.92 0.62 2.47
CA GLY A 170 -12.70 -0.10 3.46
C GLY A 170 -11.94 -0.40 4.74
N PRO A 171 -12.47 -1.31 5.57
CA PRO A 171 -11.89 -1.60 6.88
C PRO A 171 -10.54 -2.30 6.83
N TRP A 172 -9.59 -1.76 7.60
CA TRP A 172 -8.29 -2.37 7.77
C TRP A 172 -8.45 -3.80 8.30
N TYR A 173 -9.37 -4.00 9.25
CA TYR A 173 -9.52 -5.28 9.94
C TYR A 173 -9.81 -6.38 8.94
N ASP A 174 -10.85 -6.19 8.13
CA ASP A 174 -11.24 -7.19 7.11
C ASP A 174 -10.12 -7.39 6.10
N HIS A 175 -9.48 -6.28 5.73
CA HIS A 175 -8.44 -6.29 4.70
C HIS A 175 -7.30 -7.23 5.09
N VAL A 176 -6.70 -7.01 6.27
CA VAL A 176 -5.55 -7.81 6.69
C VAL A 176 -5.94 -9.25 7.03
N LYS A 177 -7.11 -9.44 7.65
CA LYS A 177 -7.56 -10.77 8.04
C LYS A 177 -7.82 -11.65 6.83
N SER A 178 -8.52 -11.13 5.83
CA SER A 178 -8.88 -11.94 4.66
C SER A 178 -7.66 -12.28 3.80
N TRP A 179 -6.73 -11.34 3.68
CA TRP A 179 -5.47 -11.64 2.99
C TRP A 179 -4.67 -12.70 3.74
N TRP A 180 -4.69 -12.63 5.07
CA TRP A 180 -4.03 -13.62 5.93
C TRP A 180 -4.63 -15.00 5.70
N GLU A 181 -5.95 -15.07 5.68
CA GLU A 181 -6.67 -16.33 5.51
CA GLU A 181 -6.67 -16.33 5.52
C GLU A 181 -6.43 -16.96 4.14
N LYS A 182 -6.09 -16.11 3.16
CA LYS A 182 -5.83 -16.53 1.77
C LYS A 182 -4.39 -17.01 1.55
N ARG A 183 -3.52 -16.79 2.54
CA ARG A 183 -2.07 -16.87 2.34
C ARG A 183 -1.54 -18.26 1.96
N LYS A 184 -2.28 -19.31 2.33
CA LYS A 184 -1.85 -20.68 2.00
C LYS A 184 -2.46 -21.17 0.69
N GLU A 185 -3.55 -20.54 0.26
CA GLU A 185 -4.24 -20.92 -0.98
CA GLU A 185 -4.22 -20.94 -0.97
C GLU A 185 -3.44 -20.53 -2.21
N TYR A 186 -2.76 -19.40 -2.14
CA TYR A 186 -2.00 -18.88 -3.26
C TYR A 186 -0.56 -18.56 -2.89
N ARG A 187 0.22 -18.13 -3.88
CA ARG A 187 1.62 -17.85 -3.67
C ARG A 187 1.75 -16.45 -3.08
N ILE A 188 1.52 -16.37 -1.77
CA ILE A 188 1.51 -15.11 -1.04
C ILE A 188 2.62 -15.09 0.00
N LEU A 189 3.43 -14.04 -0.06
CA LEU A 189 4.44 -13.76 0.96
C LEU A 189 3.86 -12.68 1.85
N TYR A 190 3.58 -13.01 3.11
CA TYR A 190 2.84 -12.08 3.97
C TYR A 190 3.85 -11.46 4.94
N LEU A 191 4.14 -10.18 4.70
CA LEU A 191 5.17 -9.45 5.44
C LEU A 191 4.58 -8.43 6.38
N PHE A 192 5.38 -8.00 7.35
CA PHE A 192 4.97 -7.00 8.33
C PHE A 192 5.94 -5.82 8.30
N TYR A 193 5.38 -4.63 8.28
CA TYR A 193 6.15 -3.38 8.28
C TYR A 193 7.11 -3.36 9.48
N GLU A 194 6.60 -3.78 10.63
CA GLU A 194 7.41 -3.76 11.86
C GLU A 194 8.65 -4.68 11.77
N ASP A 195 8.52 -5.81 11.08
CA ASP A 195 9.67 -6.70 10.83
C ASP A 195 10.69 -6.04 9.93
N MET A 196 10.21 -5.35 8.91
CA MET A 196 11.09 -4.62 7.99
CA MET A 196 11.11 -4.63 7.98
C MET A 196 11.82 -3.48 8.70
N LYS A 197 11.17 -2.91 9.71
CA LYS A 197 11.79 -1.88 10.53
C LYS A 197 12.89 -2.47 11.40
N GLU A 198 12.61 -3.62 12.00
CA GLU A 198 13.52 -4.25 12.95
C GLU A 198 14.73 -4.89 12.27
N ASN A 199 14.48 -5.58 11.16
CA ASN A 199 15.53 -6.28 10.46
C ASN A 199 15.28 -6.28 8.95
N PRO A 200 15.57 -5.15 8.27
CA PRO A 200 15.27 -5.11 6.84
C PRO A 200 16.05 -6.15 6.04
N LYS A 201 17.25 -6.51 6.48
CA LYS A 201 18.02 -7.54 5.75
C LYS A 201 17.31 -8.88 5.74
N CYS A 202 16.80 -9.27 6.90
CA CYS A 202 16.08 -10.53 7.03
C CYS A 202 14.89 -10.54 6.08
N GLU A 203 14.17 -9.42 6.04
CA GLU A 203 12.95 -9.33 5.25
C GLU A 203 13.22 -9.33 3.76
N ILE A 204 14.24 -8.59 3.34
CA ILE A 204 14.64 -8.58 1.93
C ILE A 204 15.13 -9.94 1.47
N GLN A 205 15.79 -10.68 2.38
CA GLN A 205 16.22 -12.04 2.09
C GLN A 205 15.02 -12.98 1.88
N LYS A 206 13.98 -12.80 2.69
CA LYS A 206 12.71 -13.51 2.48
C LYS A 206 12.14 -13.21 1.10
N ILE A 207 12.18 -11.94 0.70
CA ILE A 207 11.67 -11.52 -0.61
C ILE A 207 12.46 -12.20 -1.73
N LEU A 208 13.79 -12.17 -1.64
CA LEU A 208 14.62 -12.81 -2.65
C LEU A 208 14.36 -14.31 -2.78
N LYS A 209 14.21 -14.99 -1.65
CA LYS A 209 13.93 -16.43 -1.66
C LYS A 209 12.57 -16.71 -2.30
N PHE A 210 11.58 -15.88 -1.95
CA PHE A 210 10.24 -15.95 -2.54
C PHE A 210 10.27 -15.74 -4.06
N LEU A 211 11.10 -14.80 -4.50
CA LEU A 211 11.27 -14.51 -5.93
C LEU A 211 12.19 -15.49 -6.66
N GLU A 212 12.84 -16.37 -5.90
CA GLU A 212 13.81 -17.34 -6.44
C GLU A 212 14.97 -16.61 -7.13
N LYS A 213 15.43 -15.53 -6.51
CA LYS A 213 16.56 -14.76 -7.01
C LYS A 213 17.72 -14.80 -6.04
N ASP A 214 18.92 -15.03 -6.58
CA ASP A 214 20.14 -14.93 -5.80
C ASP A 214 20.94 -13.73 -6.28
N ILE A 215 21.35 -12.88 -5.34
CA ILE A 215 22.15 -11.70 -5.65
C ILE A 215 23.39 -11.66 -4.75
N PRO A 216 24.47 -11.01 -5.22
CA PRO A 216 25.66 -10.85 -4.38
C PRO A 216 25.40 -10.00 -3.14
N GLU A 217 26.16 -10.27 -2.09
CA GLU A 217 26.07 -9.55 -0.82
C GLU A 217 26.16 -8.03 -1.02
N GLU A 218 27.06 -7.61 -1.90
CA GLU A 218 27.26 -6.18 -2.18
C GLU A 218 25.98 -5.56 -2.74
N ILE A 219 25.29 -6.32 -3.60
CA ILE A 219 24.03 -5.86 -4.20
C ILE A 219 22.93 -5.81 -3.14
N LEU A 220 22.90 -6.81 -2.26
CA LEU A 220 21.97 -6.82 -1.12
C LEU A 220 22.16 -5.57 -0.26
N ASN A 221 23.42 -5.23 0.03
CA ASN A 221 23.71 -4.04 0.82
C ASN A 221 23.33 -2.74 0.11
N LYS A 222 23.52 -2.71 -1.21
CA LYS A 222 23.06 -1.57 -2.03
C LYS A 222 21.56 -1.40 -1.94
N ILE A 223 20.83 -2.51 -2.05
CA ILE A 223 19.36 -2.46 -2.02
C ILE A 223 18.88 -2.00 -0.66
N LEU A 224 19.51 -2.53 0.39
CA LEU A 224 19.25 -2.08 1.76
C LEU A 224 19.45 -0.58 1.93
N TYR A 225 20.56 -0.06 1.42
CA TYR A 225 20.82 1.38 1.53
C TYR A 225 19.78 2.21 0.77
N HIS A 226 19.56 1.89 -0.49
CA HIS A 226 18.70 2.74 -1.33
C HIS A 226 17.22 2.65 -0.98
N SER A 227 16.85 1.62 -0.24
CA SER A 227 15.46 1.48 0.22
C SER A 227 15.27 1.96 1.67
N SER A 228 16.32 2.52 2.28
CA SER A 228 16.18 3.06 3.64
C SER A 228 15.38 4.35 3.58
N PHE A 229 14.68 4.65 4.67
CA PHE A 229 13.80 5.80 4.73
C PHE A 229 14.52 7.11 4.39
N SER A 230 15.69 7.33 4.96
CA SER A 230 16.40 8.60 4.76
C SER A 230 16.77 8.81 3.29
N VAL A 231 17.18 7.74 2.61
CA VAL A 231 17.51 7.83 1.19
C VAL A 231 16.24 8.00 0.36
N MET A 232 15.22 7.21 0.65
CA MET A 232 13.98 7.33 -0.11
C MET A 232 13.33 8.70 0.04
N LYS A 233 13.36 9.25 1.26
CA LYS A 233 12.79 10.57 1.53
C LYS A 233 13.43 11.67 0.67
N GLU A 234 14.72 11.54 0.40
CA GLU A 234 15.45 12.55 -0.37
C GLU A 234 15.47 12.28 -1.87
N ASN A 235 14.87 11.16 -2.28
CA ASN A 235 14.87 10.70 -3.65
C ASN A 235 13.60 11.16 -4.37
N PRO A 236 13.72 12.14 -5.30
CA PRO A 236 12.50 12.63 -5.97
C PRO A 236 11.78 11.56 -6.79
N SER A 237 12.48 10.50 -7.14
CA SER A 237 11.89 9.38 -7.89
C SER A 237 11.10 8.42 -7.00
N ALA A 238 11.20 8.59 -5.69
CA ALA A 238 10.52 7.69 -4.75
C ALA A 238 9.64 8.39 -3.72
N ASN A 239 9.70 9.72 -3.64
CA ASN A 239 9.10 10.43 -2.51
C ASN A 239 7.80 11.17 -2.84
N TYR A 240 7.29 10.93 -4.05
CA TYR A 240 6.01 11.50 -4.51
C TYR A 240 6.01 13.02 -4.74
N THR A 241 7.18 13.66 -4.64
CA THR A 241 7.26 15.11 -4.87
C THR A 241 7.05 15.50 -6.34
N THR A 242 7.07 14.52 -7.24
CA THR A 242 6.82 14.76 -8.66
C THR A 242 5.33 14.90 -8.99
N MET A 243 4.46 14.54 -8.05
CA MET A 243 3.01 14.72 -8.21
C MET A 243 2.66 16.20 -8.33
N MET A 244 1.64 16.53 -9.14
CA MET A 244 1.09 17.89 -9.15
C MET A 244 0.66 18.23 -7.73
N LYS A 245 0.91 19.47 -7.32
CA LYS A 245 0.45 19.97 -6.04
C LYS A 245 -1.07 19.78 -5.85
N GLU A 246 -1.82 19.90 -6.94
CA GLU A 246 -3.28 19.73 -6.93
C GLU A 246 -3.70 18.33 -6.50
N GLU A 247 -2.81 17.36 -6.75
CA GLU A 247 -3.03 15.96 -6.38
C GLU A 247 -2.42 15.64 -5.01
N MET A 248 -1.18 16.08 -4.78
CA MET A 248 -0.54 15.88 -3.48
C MET A 248 0.20 17.13 -3.04
N ASP A 249 -0.22 17.70 -1.92
CA ASP A 249 0.43 18.89 -1.37
C ASP A 249 1.32 18.52 -0.17
N HIS A 250 2.61 18.40 -0.44
CA HIS A 250 3.58 17.99 0.58
C HIS A 250 3.79 19.02 1.68
N SER A 251 3.38 20.27 1.43
CA SER A 251 3.44 21.30 2.47
C SER A 251 2.39 21.05 3.55
N VAL A 252 1.33 20.32 3.20
CA VAL A 252 0.33 19.88 4.19
C VAL A 252 0.95 18.77 5.05
N SER A 253 1.44 17.73 4.40
CA SER A 253 2.17 16.65 5.05
C SER A 253 2.99 15.95 3.98
N PRO A 254 4.28 15.68 4.26
CA PRO A 254 5.06 15.00 3.22
C PRO A 254 4.66 13.53 3.15
N PHE A 255 4.73 12.94 1.96
CA PHE A 255 4.45 11.52 1.80
C PHE A 255 5.37 10.69 2.70
N MET A 256 6.67 10.99 2.62
CA MET A 256 7.66 10.32 3.44
C MET A 256 7.67 11.09 4.76
N ARG A 257 6.83 10.64 5.69
CA ARG A 257 6.47 11.47 6.84
C ARG A 257 7.44 11.26 8.01
N LYS A 258 7.34 10.11 8.67
CA LYS A 258 8.28 9.76 9.74
C LYS A 258 8.99 8.41 9.53
N GLY A 259 8.26 7.41 9.04
CA GLY A 259 8.84 6.10 8.74
C GLY A 259 9.27 5.30 9.95
N ILE A 260 8.54 5.46 11.05
CA ILE A 260 8.80 4.69 12.27
C ILE A 260 7.63 3.78 12.60
N SER A 261 7.85 2.91 13.60
CA SER A 261 6.78 2.18 14.23
C SER A 261 6.58 2.78 15.62
N GLY A 262 5.34 3.02 16.00
CA GLY A 262 5.02 3.60 17.30
C GLY A 262 4.61 5.06 17.30
N ASP A 263 4.45 5.68 16.13
CA ASP A 263 3.99 7.09 16.11
C ASP A 263 2.57 7.25 16.66
N TRP A 264 1.84 6.13 16.75
CA TRP A 264 0.50 6.17 17.33
C TRP A 264 0.51 6.75 18.74
N LYS A 265 1.60 6.52 19.48
CA LYS A 265 1.69 7.01 20.87
C LYS A 265 1.69 8.54 20.93
N ASN A 266 2.14 9.17 19.85
CA ASN A 266 2.13 10.63 19.72
C ASN A 266 0.81 11.22 19.27
N GLN A 267 -0.03 10.40 18.62
CA GLN A 267 -1.26 10.91 18.02
C GLN A 267 -2.51 10.62 18.85
N PHE A 268 -2.54 9.44 19.48
CA PHE A 268 -3.69 8.98 20.25
C PHE A 268 -3.67 9.58 21.63
N THR A 269 -4.80 10.13 22.07
CA THR A 269 -4.96 10.40 23.49
C THR A 269 -5.16 9.06 24.19
N VAL A 270 -5.00 9.05 25.52
CA VAL A 270 -5.19 7.82 26.26
C VAL A 270 -6.63 7.33 26.09
N ALA A 271 -7.60 8.23 26.14
CA ALA A 271 -9.01 7.85 25.94
C ALA A 271 -9.23 7.24 24.54
N GLN A 272 -8.64 7.86 23.52
CA GLN A 272 -8.77 7.33 22.16
C GLN A 272 -8.16 5.95 22.02
N TYR A 273 -7.01 5.76 22.63
CA TYR A 273 -6.33 4.47 22.64
C TYR A 273 -7.17 3.38 23.32
N GLU A 274 -7.74 3.69 24.48
CA GLU A 274 -8.54 2.72 25.23
C GLU A 274 -9.76 2.28 24.43
N LYS A 275 -10.42 3.25 23.79
CA LYS A 275 -11.58 2.96 22.94
C LYS A 275 -11.18 2.12 21.74
N PHE A 276 -10.04 2.46 21.13
CA PHE A 276 -9.54 1.73 19.95
C PHE A 276 -9.24 0.26 20.25
N GLU A 277 -8.56 0.00 21.37
CA GLU A 277 -8.14 -1.37 21.74
C GLU A 277 -9.31 -2.26 22.11
N GLU A 278 -10.32 -1.68 22.75
CA GLU A 278 -11.51 -2.41 23.12
C GLU A 278 -12.23 -2.87 21.83
N ASP A 279 -12.32 -1.95 20.87
CA ASP A 279 -12.90 -2.25 19.57
C ASP A 279 -12.08 -3.27 18.79
N TYR A 280 -10.76 -3.07 18.81
CA TYR A 280 -9.79 -3.90 18.08
C TYR A 280 -9.85 -5.36 18.51
N VAL A 281 -9.86 -5.60 19.83
CA VAL A 281 -9.85 -6.96 20.37
CA VAL A 281 -9.83 -6.96 20.35
C VAL A 281 -11.05 -7.76 19.86
N LYS A 282 -12.22 -7.11 19.84
CA LYS A 282 -13.45 -7.75 19.38
C LYS A 282 -13.32 -8.17 17.93
N LYS A 283 -12.78 -7.28 17.11
CA LYS A 283 -12.67 -7.50 15.67
C LYS A 283 -11.58 -8.49 15.26
N MET A 284 -10.57 -8.67 16.12
CA MET A 284 -9.38 -9.43 15.76
C MET A 284 -9.17 -10.74 16.54
N GLU A 285 -9.95 -10.96 17.61
CA GLU A 285 -9.67 -12.04 18.56
C GLU A 285 -9.78 -13.45 17.98
N ASP A 286 -10.54 -13.60 16.91
CA ASP A 286 -10.71 -14.89 16.23
C ASP A 286 -9.66 -15.15 15.12
N SER A 287 -8.79 -14.17 14.87
CA SER A 287 -7.72 -14.30 13.87
C SER A 287 -6.40 -14.71 14.51
N THR A 288 -5.60 -15.51 13.81
CA THR A 288 -4.30 -15.95 14.33
C THR A 288 -3.19 -14.94 14.02
N LEU A 289 -3.56 -13.88 13.32
CA LEU A 289 -2.69 -12.76 13.01
C LEU A 289 -2.19 -12.07 14.30
N LYS A 290 -0.89 -11.80 14.36
CA LYS A 290 -0.30 -11.07 15.48
C LYS A 290 0.52 -9.87 14.99
N PHE A 291 0.30 -8.72 15.61
CA PHE A 291 1.03 -7.48 15.27
C PHE A 291 1.83 -6.96 16.46
N ARG A 292 2.92 -6.28 16.16
CA ARG A 292 3.62 -5.45 17.14
C ARG A 292 3.30 -3.99 16.82
N SER A 293 3.24 -3.15 17.85
CA SER A 293 2.87 -1.74 17.63
C SER A 293 3.98 -0.73 17.93
N GLU A 294 5.13 -1.22 18.38
CA GLU A 294 6.33 -0.39 18.58
C GLU A 294 7.55 -1.13 18.07
#